data_7ZGA
#
_entry.id   7ZGA
#
_cell.length_a   87.498
_cell.length_b   87.498
_cell.length_c   110.068
_cell.angle_alpha   90.00
_cell.angle_beta   90.00
_cell.angle_gamma   120.00
#
_symmetry.space_group_name_H-M   'P 32 2 1'
#
loop_
_entity.id
_entity.type
_entity.pdbx_description
1 polymer 'SEC14 cytosolic factor'
2 non-polymer '~{O}9-methyl ~{O}4-[2,2,2-tris(chloranyl)ethyl] (5~{a}~{S},6~{a}~{S},9~{R},10~{a}~{S})-7-methyl-3-nitro-5,5~{a},6,6~{a},8,9,10,10~{a}-octahydroindolo[4,3-fg]quinoline-4,9-dicarboxylate'
3 water water
#
_entity_poly.entity_id   1
_entity_poly.type   'polypeptide(L)'
_entity_poly.pdbx_seq_one_letter_code
;TQQEKEFLESYPQNCPPDALPGTPGNLDSAQEKALAELRKLLEDAGFIERLDDSTLLRFLRARKFDVQLAKEMFENCEKW
RKDYGTDTILQDFHYDEKPLIAKFYPQYYHKTDKDGRPVYFEELGAVNLHEMNKVTSEERMLKNLVWEYESVVQYRLPAC
SRAAGHLVETSCTIMDLKGISISSAYSVMSYVREASYISQNYYPERMGKFYIINAPFGFSTAFRLFKPFLDPVTVSKIFI
LGSSYQKELLKQIPAENLPVKFGGKSEVDESKGGLYLSDIGPWRDPKYIGPEGEAP
;
_entity_poly.pdbx_strand_id   A
#
# COMPACT_ATOMS: atom_id res chain seq x y z
N THR A 1 -12.73 -16.85 -13.53
CA THR A 1 -12.62 -17.00 -15.00
C THR A 1 -11.26 -17.58 -15.36
N GLN A 2 -11.00 -17.82 -16.64
CA GLN A 2 -9.74 -18.46 -17.06
C GLN A 2 -8.64 -17.41 -17.17
N GLN A 3 -9.03 -16.14 -17.34
CA GLN A 3 -8.02 -15.06 -17.50
C GLN A 3 -7.43 -14.76 -16.13
N GLU A 4 -8.25 -14.86 -15.09
CA GLU A 4 -7.76 -14.59 -13.72
C GLU A 4 -6.85 -15.75 -13.29
N LYS A 5 -7.12 -16.95 -13.78
CA LYS A 5 -6.26 -18.10 -13.45
C LYS A 5 -4.89 -17.83 -14.05
N GLU A 6 -4.87 -17.40 -15.30
CA GLU A 6 -3.60 -17.09 -15.99
C GLU A 6 -2.90 -15.97 -15.23
N PHE A 7 -3.66 -14.99 -14.76
CA PHE A 7 -3.07 -13.85 -14.02
C PHE A 7 -2.44 -14.35 -12.72
N LEU A 8 -3.12 -15.21 -11.99
CA LEU A 8 -2.60 -15.65 -10.67
C LEU A 8 -1.44 -16.63 -10.84
N GLU A 9 -1.40 -17.35 -11.97
CA GLU A 9 -0.29 -18.28 -12.26
C GLU A 9 0.86 -17.52 -12.92
N SER A 10 0.67 -16.23 -13.20
CA SER A 10 1.70 -15.45 -13.93
C SER A 10 2.74 -14.86 -12.98
N TYR A 11 2.63 -15.14 -11.68
CA TYR A 11 3.66 -14.59 -10.79
C TYR A 11 3.78 -15.51 -9.57
N PRO A 12 4.93 -15.45 -8.87
CA PRO A 12 5.12 -16.31 -7.68
C PRO A 12 3.97 -16.18 -6.71
N GLN A 13 3.58 -17.34 -6.14
CA GLN A 13 2.38 -17.46 -5.32
C GLN A 13 2.69 -17.67 -3.85
N ASN A 14 3.95 -17.92 -3.50
CA ASN A 14 4.32 -18.21 -2.12
C ASN A 14 5.11 -17.05 -1.52
N CYS A 15 4.74 -16.66 -0.31
CA CYS A 15 5.59 -15.81 0.49
C CYS A 15 6.83 -16.59 0.92
N PRO A 16 7.91 -15.89 1.28
CA PRO A 16 9.11 -16.58 1.78
C PRO A 16 8.83 -17.33 3.07
N PRO A 17 9.61 -18.37 3.38
CA PRO A 17 9.29 -19.19 4.57
C PRO A 17 9.39 -18.45 5.88
N ASP A 18 10.14 -17.35 5.95
CA ASP A 18 10.30 -16.59 7.17
C ASP A 18 9.32 -15.41 7.27
N ALA A 19 8.30 -15.38 6.41
CA ALA A 19 7.26 -14.37 6.49
C ALA A 19 6.33 -14.69 7.66
N LEU A 20 5.31 -13.86 7.85
CA LEU A 20 4.44 -14.04 9.00
C LEU A 20 3.61 -15.32 8.84
N PRO A 21 3.20 -15.93 9.96
CA PRO A 21 2.32 -17.11 9.86
C PRO A 21 0.97 -16.72 9.28
N GLY A 22 0.31 -17.71 8.67
CA GLY A 22 -0.94 -17.48 7.99
C GLY A 22 -0.81 -16.86 6.61
N THR A 23 0.40 -16.69 6.09
CA THR A 23 0.55 -16.15 4.75
C THR A 23 0.64 -17.27 3.73
N PRO A 24 0.41 -16.97 2.45
CA PRO A 24 0.41 -18.01 1.42
C PRO A 24 1.71 -18.81 1.43
N GLY A 25 1.56 -20.14 1.37
CA GLY A 25 2.67 -21.07 1.45
C GLY A 25 3.17 -21.41 2.84
N ASN A 26 2.58 -20.83 3.90
CA ASN A 26 3.06 -21.01 5.27
C ASN A 26 1.88 -21.25 6.21
N LEU A 27 0.94 -22.09 5.80
CA LEU A 27 -0.27 -22.35 6.58
C LEU A 27 -0.12 -23.66 7.34
N ASP A 28 -0.61 -23.68 8.57
CA ASP A 28 -0.79 -24.95 9.27
C ASP A 28 -2.18 -25.51 8.94
N SER A 29 -2.49 -26.68 9.52
CA SER A 29 -3.74 -27.35 9.18
C SER A 29 -4.94 -26.54 9.63
N ALA A 30 -4.85 -25.90 10.80
CA ALA A 30 -5.94 -25.05 11.28
C ALA A 30 -6.21 -23.92 10.30
N GLN A 31 -5.15 -23.19 9.93
CA GLN A 31 -5.32 -22.07 8.99
C GLN A 31 -5.86 -22.55 7.66
N GLU A 32 -5.38 -23.70 7.19
CA GLU A 32 -5.86 -24.22 5.91
C GLU A 32 -7.33 -24.64 5.99
N LYS A 33 -7.77 -25.10 7.16
CA LYS A 33 -9.20 -25.46 7.31
C LYS A 33 -10.04 -24.19 7.26
N ALA A 34 -9.56 -23.15 7.93
CA ALA A 34 -10.30 -21.87 7.97
C ALA A 34 -10.45 -21.26 6.56
N LEU A 35 -9.40 -21.32 5.75
CA LEU A 35 -9.45 -20.77 4.37
C LEU A 35 -10.53 -21.49 3.57
N ALA A 36 -10.55 -22.82 3.64
CA ALA A 36 -11.52 -23.61 2.85
C ALA A 36 -12.92 -23.33 3.35
N GLU A 37 -13.08 -23.23 4.67
CA GLU A 37 -14.39 -22.86 5.23
C GLU A 37 -14.74 -21.52 4.63
N LEU A 38 -13.94 -20.49 4.93
CA LEU A 38 -14.27 -19.12 4.46
C LEU A 38 -14.63 -19.19 2.99
N ARG A 39 -13.84 -19.94 2.22
CA ARG A 39 -14.13 -19.97 0.79
C ARG A 39 -15.52 -20.55 0.52
N LYS A 40 -15.87 -21.64 1.22
CA LYS A 40 -17.18 -22.27 0.99
C LYS A 40 -18.31 -21.29 1.29
N LEU A 41 -18.24 -20.57 2.41
CA LEU A 41 -19.28 -19.60 2.74
C LEU A 41 -19.46 -18.58 1.62
N LEU A 42 -18.36 -18.03 1.13
CA LEU A 42 -18.45 -16.92 0.17
C LEU A 42 -18.96 -17.41 -1.18
N GLU A 43 -18.55 -18.61 -1.61
CA GLU A 43 -19.12 -19.17 -2.83
C GLU A 43 -20.63 -19.38 -2.67
N ASP A 44 -21.04 -19.96 -1.53
CA ASP A 44 -22.46 -20.20 -1.29
C ASP A 44 -23.27 -18.91 -1.27
N ALA A 45 -22.64 -17.79 -0.90
CA ALA A 45 -23.33 -16.51 -0.91
C ALA A 45 -23.38 -15.89 -2.30
N GLY A 46 -22.72 -16.48 -3.28
CA GLY A 46 -22.73 -15.97 -4.63
C GLY A 46 -21.56 -15.09 -5.03
N PHE A 47 -20.46 -15.12 -4.30
CA PHE A 47 -19.28 -14.38 -4.73
C PHE A 47 -18.47 -15.24 -5.68
N ILE A 48 -17.92 -14.61 -6.71
CA ILE A 48 -17.05 -15.28 -7.65
C ILE A 48 -15.65 -14.70 -7.68
N GLU A 49 -15.53 -13.37 -7.61
CA GLU A 49 -14.26 -12.66 -7.64
C GLU A 49 -13.54 -12.75 -6.30
N ARG A 50 -12.23 -12.49 -6.34
CA ARG A 50 -11.41 -12.26 -5.16
C ARG A 50 -11.58 -13.34 -4.10
N LEU A 51 -11.57 -14.60 -4.54
CA LEU A 51 -11.59 -15.74 -3.64
C LEU A 51 -10.30 -16.56 -3.69
N ASP A 52 -9.26 -16.03 -4.33
CA ASP A 52 -7.96 -16.66 -4.32
C ASP A 52 -7.37 -16.69 -2.91
N ASP A 53 -6.37 -17.56 -2.72
CA ASP A 53 -5.77 -17.76 -1.41
C ASP A 53 -5.29 -16.45 -0.79
N SER A 54 -4.51 -15.67 -1.55
CA SER A 54 -3.92 -14.45 -1.03
C SER A 54 -4.98 -13.50 -0.48
N THR A 55 -6.06 -13.28 -1.25
CA THR A 55 -7.09 -12.35 -0.81
C THR A 55 -7.76 -12.82 0.48
N LEU A 56 -8.24 -14.08 0.47
CA LEU A 56 -8.94 -14.60 1.62
C LEU A 56 -8.04 -14.65 2.86
N LEU A 57 -6.78 -15.05 2.69
CA LEU A 57 -5.90 -15.14 3.86
C LEU A 57 -5.65 -13.77 4.47
N ARG A 58 -5.71 -12.70 3.66
CA ARG A 58 -5.55 -11.36 4.21
C ARG A 58 -6.73 -11.02 5.11
N PHE A 59 -7.96 -11.30 4.68
CA PHE A 59 -9.12 -11.07 5.53
C PHE A 59 -9.08 -11.96 6.77
N LEU A 60 -8.66 -13.22 6.60
CA LEU A 60 -8.49 -14.10 7.76
C LEU A 60 -7.50 -13.53 8.75
N ARG A 61 -6.31 -13.14 8.26
CA ARG A 61 -5.29 -12.59 9.16
C ARG A 61 -5.78 -11.34 9.87
N ALA A 62 -6.66 -10.55 9.23
CA ALA A 62 -7.16 -9.32 9.85
C ALA A 62 -8.15 -9.61 10.97
N ARG A 63 -8.69 -10.81 11.02
CA ARG A 63 -9.66 -11.20 12.03
C ARG A 63 -9.18 -12.41 12.82
N LYS A 64 -7.86 -12.54 12.99
CA LYS A 64 -7.24 -13.60 13.80
C LYS A 64 -7.74 -14.99 13.40
N PHE A 65 -8.10 -15.17 12.13
CA PHE A 65 -8.61 -16.46 11.61
C PHE A 65 -10.03 -16.79 12.09
N ASP A 66 -10.81 -15.78 12.44
CA ASP A 66 -12.24 -16.01 12.77
C ASP A 66 -13.00 -16.00 11.45
N VAL A 67 -13.42 -17.16 10.95
CA VAL A 67 -14.07 -17.26 9.61
C VAL A 67 -15.28 -16.33 9.51
N GLN A 68 -16.14 -16.30 10.52
CA GLN A 68 -17.40 -15.52 10.44
C GLN A 68 -17.09 -14.03 10.31
N LEU A 69 -16.16 -13.54 11.12
CA LEU A 69 -15.82 -12.10 11.09
C LEU A 69 -15.10 -11.75 9.79
N ALA A 70 -14.28 -12.67 9.28
CA ALA A 70 -13.56 -12.44 8.01
C ALA A 70 -14.56 -12.40 6.85
N LYS A 71 -15.61 -13.21 6.94
CA LYS A 71 -16.67 -13.21 5.91
C LYS A 71 -17.42 -11.88 5.99
N GLU A 72 -17.69 -11.41 7.19
CA GLU A 72 -18.39 -10.12 7.37
C GLU A 72 -17.52 -9.00 6.80
N MET A 73 -16.22 -9.00 7.11
CA MET A 73 -15.29 -7.98 6.57
C MET A 73 -15.27 -8.05 5.05
N PHE A 74 -15.22 -9.26 4.48
CA PHE A 74 -15.18 -9.42 3.01
C PHE A 74 -16.49 -8.86 2.44
N GLU A 75 -17.60 -9.19 3.08
CA GLU A 75 -18.91 -8.73 2.58
C GLU A 75 -18.99 -7.20 2.68
N ASN A 76 -18.50 -6.61 3.77
CA ASN A 76 -18.50 -5.13 3.85
C ASN A 76 -17.67 -4.53 2.72
N CYS A 77 -16.49 -5.10 2.45
CA CYS A 77 -15.59 -4.56 1.39
C CYS A 77 -16.28 -4.66 0.03
N GLU A 78 -16.89 -5.80 -0.27
CA GLU A 78 -17.54 -6.01 -1.59
C GLU A 78 -18.71 -5.04 -1.75
N LYS A 79 -19.43 -4.75 -0.67
CA LYS A 79 -20.53 -3.76 -0.73
C LYS A 79 -19.96 -2.39 -1.09
N TRP A 80 -18.84 -2.01 -0.49
CA TRP A 80 -18.21 -0.70 -0.77
C TRP A 80 -17.73 -0.68 -2.21
N ARG A 81 -17.15 -1.79 -2.67
CA ARG A 81 -16.62 -1.83 -4.05
C ARG A 81 -17.76 -1.56 -5.04
N LYS A 82 -18.95 -2.08 -4.75
CA LYS A 82 -20.13 -1.86 -5.63
C LYS A 82 -20.58 -0.40 -5.54
N ASP A 83 -20.75 0.13 -4.34
CA ASP A 83 -21.25 1.52 -4.16
C ASP A 83 -20.24 2.53 -4.68
N TYR A 84 -18.96 2.34 -4.36
CA TYR A 84 -17.91 3.31 -4.75
C TYR A 84 -17.58 3.15 -6.23
N GLY A 85 -17.85 1.99 -6.82
CA GLY A 85 -17.45 1.81 -8.20
C GLY A 85 -16.01 1.35 -8.37
N THR A 86 -15.46 0.69 -7.35
CA THR A 86 -14.04 0.36 -7.33
C THR A 86 -13.64 -0.63 -8.42
N ASP A 87 -14.55 -1.50 -8.87
CA ASP A 87 -14.14 -2.50 -9.86
C ASP A 87 -13.83 -1.87 -11.22
N THR A 88 -14.32 -0.67 -11.50
CA THR A 88 -14.04 -0.04 -12.78
C THR A 88 -13.35 1.31 -12.61
N ILE A 89 -12.79 1.57 -11.41
CA ILE A 89 -12.24 2.89 -11.16
C ILE A 89 -11.03 3.16 -12.06
N LEU A 90 -10.25 2.12 -12.42
CA LEU A 90 -9.12 2.33 -13.31
C LEU A 90 -9.56 2.84 -14.68
N GLN A 91 -10.75 2.45 -15.14
CA GLN A 91 -11.32 3.02 -16.35
C GLN A 91 -12.10 4.30 -16.09
N ASP A 92 -12.79 4.41 -14.95
CA ASP A 92 -13.76 5.49 -14.78
C ASP A 92 -13.11 6.81 -14.41
N PHE A 93 -11.99 6.78 -13.68
CA PHE A 93 -11.48 7.96 -12.99
C PHE A 93 -10.20 8.46 -13.65
N HIS A 94 -10.13 9.78 -13.86
CA HIS A 94 -8.99 10.40 -14.54
C HIS A 94 -8.55 11.64 -13.77
N TYR A 95 -7.43 11.51 -13.07
CA TYR A 95 -6.92 12.54 -12.17
C TYR A 95 -6.04 13.52 -12.95
N ASP A 96 -6.66 14.14 -13.97
CA ASP A 96 -5.91 15.03 -14.85
C ASP A 96 -5.38 16.25 -14.11
N GLU A 97 -5.90 16.55 -12.92
CA GLU A 97 -5.37 17.62 -12.09
C GLU A 97 -3.91 17.39 -11.70
N LYS A 98 -3.48 16.12 -11.61
CA LYS A 98 -2.25 15.80 -10.87
C LYS A 98 -1.08 16.72 -11.17
N PRO A 99 -0.72 17.01 -12.43
CA PRO A 99 0.43 17.89 -12.65
C PRO A 99 0.27 19.27 -12.03
N LEU A 100 -0.97 19.72 -11.84
CA LEU A 100 -1.21 21.04 -11.26
C LEU A 100 -1.01 21.05 -9.76
N ILE A 101 -1.30 19.95 -9.06
CA ILE A 101 -1.38 20.00 -7.61
C ILE A 101 -0.45 19.02 -6.92
N ALA A 102 0.35 18.24 -7.66
CA ALA A 102 1.21 17.24 -7.04
C ALA A 102 2.12 17.88 -6.00
N LYS A 103 2.72 19.03 -6.32
CA LYS A 103 3.66 19.68 -5.40
C LYS A 103 3.00 20.15 -4.10
N PHE A 104 1.68 20.20 -4.03
CA PHE A 104 0.97 20.62 -2.83
C PHE A 104 0.57 19.46 -1.92
N TYR A 105 0.78 18.20 -2.37
CA TYR A 105 0.64 17.02 -1.53
C TYR A 105 1.34 15.83 -2.21
N PRO A 106 2.67 15.84 -2.26
CA PRO A 106 3.41 14.83 -3.05
C PRO A 106 3.09 13.41 -2.62
N GLN A 107 2.64 12.61 -3.58
CA GLN A 107 2.38 11.18 -3.38
C GLN A 107 2.88 10.45 -4.61
N TYR A 108 3.79 9.49 -4.43
CA TYR A 108 4.34 8.78 -5.58
C TYR A 108 4.93 7.46 -5.10
N TYR A 109 4.88 6.46 -5.98
CA TYR A 109 5.62 5.21 -5.80
C TYR A 109 6.98 5.31 -6.47
N HIS A 110 7.98 4.65 -5.88
CA HIS A 110 9.31 4.62 -6.48
C HIS A 110 10.03 3.33 -6.07
N LYS A 111 10.09 2.37 -7.01
CA LYS A 111 10.89 1.16 -6.85
C LYS A 111 10.46 0.35 -5.63
N THR A 112 11.38 -0.49 -5.18
CA THR A 112 11.02 -1.49 -4.18
C THR A 112 11.97 -1.54 -3.00
N ASP A 113 11.58 -2.29 -1.99
CA ASP A 113 12.44 -2.48 -0.80
C ASP A 113 13.21 -3.79 -0.93
N LYS A 114 14.00 -4.13 0.08
CA LYS A 114 14.83 -5.35 0.05
C LYS A 114 13.96 -6.60 0.03
N ASP A 115 12.68 -6.44 0.36
CA ASP A 115 11.75 -7.61 0.41
C ASP A 115 10.88 -7.63 -0.83
N GLY A 116 11.07 -6.66 -1.73
CA GLY A 116 10.29 -6.63 -2.99
C GLY A 116 9.08 -5.72 -2.93
N ARG A 117 8.78 -5.14 -1.76
CA ARG A 117 7.61 -4.28 -1.61
C ARG A 117 7.76 -3.03 -2.47
N PRO A 118 6.72 -2.63 -3.19
CA PRO A 118 6.74 -1.28 -3.79
C PRO A 118 6.79 -0.23 -2.68
N VAL A 119 7.59 0.81 -2.90
CA VAL A 119 7.77 1.85 -1.90
C VAL A 119 6.88 3.04 -2.25
N TYR A 120 6.03 3.44 -1.31
CA TYR A 120 5.13 4.58 -1.45
C TYR A 120 5.65 5.73 -0.59
N PHE A 121 5.75 6.90 -1.19
CA PHE A 121 6.23 8.11 -0.54
C PHE A 121 5.09 9.10 -0.41
N GLU A 122 4.92 9.64 0.80
CA GLU A 122 3.92 10.66 1.07
C GLU A 122 4.60 11.79 1.84
N GLU A 123 4.72 12.94 1.19
CA GLU A 123 5.35 14.11 1.82
C GLU A 123 4.27 14.95 2.50
N LEU A 124 3.70 14.35 3.56
CA LEU A 124 2.57 14.95 4.25
C LEU A 124 2.93 16.31 4.83
N GLY A 125 4.15 16.48 5.33
CA GLY A 125 4.59 17.74 5.91
C GLY A 125 4.59 18.90 4.94
N ALA A 126 4.58 18.62 3.63
CA ALA A 126 4.53 19.66 2.61
C ALA A 126 3.12 20.04 2.24
N VAL A 127 2.11 19.44 2.89
CA VAL A 127 0.74 19.58 2.41
C VAL A 127 0.33 21.04 2.45
N ASN A 128 -0.37 21.46 1.39
CA ASN A 128 -0.86 22.83 1.23
C ASN A 128 -2.25 22.70 0.60
N LEU A 129 -3.25 22.42 1.46
CA LEU A 129 -4.60 22.19 0.98
C LEU A 129 -5.28 23.47 0.53
N HIS A 130 -4.87 24.63 1.05
CA HIS A 130 -5.45 25.88 0.58
C HIS A 130 -5.25 26.05 -0.91
N GLU A 131 -4.05 25.74 -1.40
CA GLU A 131 -3.79 25.81 -2.84
C GLU A 131 -4.34 24.59 -3.56
N MET A 132 -4.35 23.44 -2.89
CA MET A 132 -4.86 22.25 -3.54
C MET A 132 -6.35 22.39 -3.84
N ASN A 133 -7.11 22.96 -2.90
CA ASN A 133 -8.55 23.11 -3.10
C ASN A 133 -8.91 24.13 -4.17
N LYS A 134 -7.95 24.86 -4.72
CA LYS A 134 -8.28 25.73 -5.85
C LYS A 134 -8.58 24.90 -7.09
N VAL A 135 -8.08 23.67 -7.15
CA VAL A 135 -8.11 22.86 -8.36
C VAL A 135 -8.95 21.59 -8.17
N THR A 136 -8.83 20.93 -7.03
CA THR A 136 -9.47 19.64 -6.85
C THR A 136 -10.10 19.58 -5.47
N SER A 137 -10.82 18.49 -5.21
CA SER A 137 -11.57 18.30 -3.98
C SER A 137 -11.05 17.09 -3.22
N GLU A 138 -11.45 17.03 -1.95
CA GLU A 138 -11.11 15.90 -1.10
C GLU A 138 -11.68 14.60 -1.67
N GLU A 139 -12.89 14.65 -2.22
CA GLU A 139 -13.50 13.46 -2.79
C GLU A 139 -12.67 12.94 -3.95
N ARG A 140 -12.16 13.84 -4.79
CA ARG A 140 -11.30 13.43 -5.89
C ARG A 140 -9.92 12.98 -5.39
N MET A 141 -9.43 13.54 -4.28
CA MET A 141 -8.17 13.04 -3.74
C MET A 141 -8.31 11.60 -3.25
N LEU A 142 -9.48 11.26 -2.70
CA LEU A 142 -9.72 9.89 -2.23
C LEU A 142 -9.91 8.93 -3.40
N LYS A 143 -10.60 9.38 -4.47
CA LYS A 143 -10.69 8.58 -5.68
C LYS A 143 -9.31 8.26 -6.22
N ASN A 144 -8.44 9.26 -6.24
CA ASN A 144 -7.07 9.01 -6.69
C ASN A 144 -6.36 8.02 -5.78
N LEU A 145 -6.60 8.12 -4.46
CA LEU A 145 -6.01 7.13 -3.55
C LEU A 145 -6.49 5.72 -3.89
N VAL A 146 -7.80 5.52 -4.03
CA VAL A 146 -8.33 4.18 -4.36
C VAL A 146 -7.83 3.72 -5.73
N TRP A 147 -7.79 4.63 -6.71
CA TRP A 147 -7.19 4.32 -8.01
C TRP A 147 -5.78 3.76 -7.85
N GLU A 148 -4.96 4.42 -7.02
CA GLU A 148 -3.60 3.93 -6.82
C GLU A 148 -3.60 2.56 -6.19
N TYR A 149 -4.40 2.37 -5.14
CA TYR A 149 -4.49 1.07 -4.49
C TYR A 149 -4.86 -0.01 -5.49
N GLU A 150 -5.88 0.25 -6.31
CA GLU A 150 -6.25 -0.71 -7.35
C GLU A 150 -5.10 -0.93 -8.31
N SER A 151 -4.35 0.13 -8.62
CA SER A 151 -3.21 -0.04 -9.51
C SER A 151 -2.11 -0.85 -8.84
N VAL A 152 -2.00 -0.76 -7.51
CA VAL A 152 -1.07 -1.61 -6.78
C VAL A 152 -1.50 -3.07 -6.85
N VAL A 153 -2.81 -3.35 -6.75
CA VAL A 153 -3.27 -4.73 -6.84
C VAL A 153 -3.05 -5.27 -8.26
N GLN A 154 -3.52 -4.55 -9.27
CA GLN A 154 -3.55 -5.09 -10.62
C GLN A 154 -2.18 -5.09 -11.28
N TYR A 155 -1.31 -4.13 -10.95
CA TYR A 155 -0.08 -3.94 -11.72
C TYR A 155 1.19 -4.00 -10.89
N ARG A 156 1.28 -3.23 -9.80
CA ARG A 156 2.59 -3.10 -9.14
C ARG A 156 2.96 -4.38 -8.39
N LEU A 157 2.02 -4.97 -7.63
CA LEU A 157 2.33 -6.17 -6.83
C LEU A 157 2.65 -7.39 -7.70
N PRO A 158 1.91 -7.65 -8.79
CA PRO A 158 2.33 -8.77 -9.65
C PRO A 158 3.71 -8.57 -10.24
N ALA A 159 4.05 -7.35 -10.66
CA ALA A 159 5.39 -7.12 -11.19
C ALA A 159 6.43 -7.29 -10.09
N CYS A 160 6.17 -6.72 -8.90
CA CYS A 160 7.10 -6.82 -7.77
C CYS A 160 7.29 -8.28 -7.37
N SER A 161 6.21 -9.07 -7.38
CA SER A 161 6.34 -10.48 -7.05
C SER A 161 7.26 -11.20 -8.04
N ARG A 162 7.13 -10.91 -9.34
CA ARG A 162 8.01 -11.54 -10.32
C ARG A 162 9.44 -11.07 -10.15
N ALA A 163 9.65 -9.76 -9.93
CA ALA A 163 11.01 -9.25 -9.75
C ALA A 163 11.69 -9.84 -8.51
N ALA A 164 10.93 -10.06 -7.43
CA ALA A 164 11.54 -10.56 -6.20
C ALA A 164 11.65 -12.09 -6.14
N GLY A 165 10.93 -12.81 -6.99
CA GLY A 165 10.96 -14.27 -6.94
C GLY A 165 10.06 -14.91 -5.91
N HIS A 166 9.22 -14.12 -5.24
CA HIS A 166 8.24 -14.62 -4.28
C HIS A 166 7.05 -13.69 -4.27
N LEU A 167 5.95 -14.17 -3.70
CA LEU A 167 4.75 -13.37 -3.59
C LEU A 167 5.02 -12.13 -2.76
N VAL A 168 4.59 -10.97 -3.26
CA VAL A 168 4.67 -9.70 -2.54
C VAL A 168 3.25 -9.17 -2.39
N GLU A 169 2.80 -9.00 -1.14
CA GLU A 169 1.42 -8.62 -0.88
C GLU A 169 1.27 -7.19 -0.38
N THR A 170 2.36 -6.49 -0.05
CA THR A 170 2.28 -5.32 0.81
C THR A 170 3.18 -4.21 0.28
N SER A 171 2.88 -2.99 0.74
CA SER A 171 3.66 -1.80 0.44
C SER A 171 4.64 -1.49 1.56
N CYS A 172 5.60 -0.63 1.25
CA CYS A 172 6.50 -0.02 2.21
C CYS A 172 6.27 1.49 2.12
N THR A 173 5.85 2.11 3.22
CA THR A 173 5.49 3.52 3.19
C THR A 173 6.55 4.36 3.88
N ILE A 174 6.92 5.45 3.25
CA ILE A 174 7.77 6.47 3.84
C ILE A 174 6.98 7.76 3.85
N MET A 175 6.62 8.22 5.04
CA MET A 175 5.88 9.46 5.22
C MET A 175 6.80 10.51 5.83
N ASP A 176 7.01 11.60 5.09
CA ASP A 176 7.92 12.68 5.47
C ASP A 176 7.10 13.78 6.12
N LEU A 177 7.37 14.05 7.40
CA LEU A 177 6.65 15.06 8.16
C LEU A 177 7.33 16.42 8.13
N LYS A 178 8.49 16.54 7.48
CA LYS A 178 9.19 17.81 7.43
C LYS A 178 8.25 18.91 6.93
N GLY A 179 8.15 19.98 7.72
CA GLY A 179 7.28 21.09 7.39
C GLY A 179 5.91 21.06 8.02
N ILE A 180 5.53 19.96 8.70
CA ILE A 180 4.20 19.90 9.30
C ILE A 180 4.08 20.96 10.39
N SER A 181 2.88 21.51 10.55
CA SER A 181 2.57 22.41 11.64
C SER A 181 1.29 21.90 12.29
N ILE A 182 0.99 22.42 13.48
CA ILE A 182 -0.30 22.11 14.09
C ILE A 182 -1.43 22.50 13.15
N SER A 183 -1.32 23.70 12.57
CA SER A 183 -2.32 24.21 11.64
C SER A 183 -2.52 23.27 10.46
N SER A 184 -1.43 22.87 9.80
CA SER A 184 -1.58 22.03 8.61
C SER A 184 -1.97 20.60 9.00
N ALA A 185 -1.60 20.15 10.20
CA ALA A 185 -2.04 18.83 10.65
C ALA A 185 -3.55 18.78 10.77
N TYR A 186 -4.16 19.80 11.37
CA TYR A 186 -5.62 19.83 11.43
C TYR A 186 -6.23 19.92 10.02
N SER A 187 -5.60 20.68 9.12
CA SER A 187 -6.17 20.84 7.78
C SER A 187 -6.23 19.51 7.01
N VAL A 188 -5.24 18.63 7.21
CA VAL A 188 -5.23 17.35 6.48
C VAL A 188 -5.91 16.24 7.27
N MET A 189 -6.38 16.51 8.49
CA MET A 189 -6.85 15.44 9.37
C MET A 189 -8.03 14.67 8.76
N SER A 190 -8.98 15.39 8.14
CA SER A 190 -10.15 14.76 7.55
C SER A 190 -9.77 13.81 6.42
N TYR A 191 -8.87 14.25 5.55
CA TYR A 191 -8.40 13.37 4.49
C TYR A 191 -7.73 12.13 5.09
N VAL A 192 -6.84 12.31 6.07
CA VAL A 192 -6.10 11.17 6.60
C VAL A 192 -7.03 10.16 7.24
N ARG A 193 -8.01 10.65 8.02
CA ARG A 193 -9.00 9.77 8.63
C ARG A 193 -9.77 8.98 7.58
N GLU A 194 -10.19 9.63 6.49
CA GLU A 194 -10.91 8.90 5.44
C GLU A 194 -10.01 7.86 4.79
N ALA A 195 -8.78 8.26 4.44
CA ALA A 195 -7.82 7.33 3.83
C ALA A 195 -7.60 6.11 4.72
N SER A 196 -7.41 6.34 6.02
CA SER A 196 -7.16 5.22 6.93
C SER A 196 -8.35 4.30 7.02
N TYR A 197 -9.55 4.86 7.10
CA TYR A 197 -10.74 4.02 7.16
C TYR A 197 -10.79 3.10 5.94
N ILE A 198 -10.58 3.68 4.75
CA ILE A 198 -10.57 2.90 3.51
C ILE A 198 -9.49 1.84 3.54
N SER A 199 -8.27 2.22 3.96
CA SER A 199 -7.17 1.26 3.97
C SER A 199 -7.46 0.10 4.90
N GLN A 200 -7.87 0.41 6.14
CA GLN A 200 -8.03 -0.63 7.15
C GLN A 200 -9.20 -1.55 6.84
N ASN A 201 -10.28 -1.02 6.27
CA ASN A 201 -11.46 -1.87 6.08
C ASN A 201 -11.49 -2.58 4.74
N TYR A 202 -10.96 -1.97 3.69
CA TYR A 202 -11.08 -2.52 2.36
C TYR A 202 -9.74 -2.99 1.78
N TYR A 203 -8.62 -2.79 2.50
CA TYR A 203 -7.35 -3.29 2.01
C TYR A 203 -6.56 -3.94 3.15
N PRO A 204 -7.18 -4.84 3.92
CA PRO A 204 -6.53 -5.38 5.12
C PRO A 204 -5.25 -6.11 4.77
N GLU A 205 -4.26 -5.98 5.66
CA GLU A 205 -2.98 -6.67 5.55
C GLU A 205 -2.21 -6.27 4.30
N ARG A 206 -2.46 -5.07 3.75
CA ARG A 206 -1.66 -4.57 2.66
C ARG A 206 -0.53 -3.66 3.11
N MET A 207 -0.50 -3.29 4.39
CA MET A 207 0.57 -2.46 4.95
C MET A 207 1.70 -3.37 5.40
N GLY A 208 2.86 -3.25 4.76
CA GLY A 208 4.01 -4.08 5.11
C GLY A 208 4.96 -3.39 6.07
N LYS A 209 5.43 -2.21 5.70
CA LYS A 209 6.25 -1.35 6.56
C LYS A 209 5.72 0.07 6.44
N PHE A 210 5.81 0.82 7.53
CA PHE A 210 5.40 2.22 7.55
C PHE A 210 6.48 3.00 8.29
N TYR A 211 7.18 3.88 7.58
CA TYR A 211 8.22 4.73 8.16
C TYR A 211 7.73 6.17 8.17
N ILE A 212 7.72 6.79 9.34
CA ILE A 212 7.58 8.24 9.45
C ILE A 212 8.98 8.81 9.63
N ILE A 213 9.32 9.85 8.86
CA ILE A 213 10.63 10.49 8.96
C ILE A 213 10.44 11.99 9.22
N ASN A 214 11.48 12.59 9.81
CA ASN A 214 11.47 14.01 10.17
C ASN A 214 10.35 14.32 11.14
N ALA A 215 10.02 13.36 11.98
CA ALA A 215 8.98 13.58 12.98
C ALA A 215 9.40 14.71 13.92
N PRO A 216 8.48 15.60 14.29
CA PRO A 216 8.80 16.60 15.31
C PRO A 216 9.12 15.96 16.65
N PHE A 217 9.85 16.71 17.47
CA PHE A 217 10.42 16.19 18.71
C PHE A 217 9.37 15.54 19.60
N GLY A 218 8.26 16.25 19.88
CA GLY A 218 7.26 15.72 20.81
C GLY A 218 6.58 14.46 20.28
N PHE A 219 6.32 14.42 18.97
CA PHE A 219 5.74 13.22 18.36
C PHE A 219 6.72 12.05 18.46
N SER A 220 7.98 12.32 18.11
CA SER A 220 9.01 11.29 18.18
C SER A 220 9.20 10.82 19.60
N THR A 221 9.15 11.73 20.57
CA THR A 221 9.44 11.34 21.94
C THR A 221 8.38 10.39 22.47
N ALA A 222 7.12 10.65 22.14
CA ALA A 222 6.03 9.77 22.63
C ALA A 222 6.24 8.32 22.18
N PHE A 223 6.60 8.10 20.92
CA PHE A 223 6.75 6.72 20.39
C PHE A 223 7.94 6.04 21.06
N ARG A 224 8.99 6.80 21.37
CA ARG A 224 10.18 6.24 22.03
C ARG A 224 9.80 5.75 23.42
N LEU A 225 8.91 6.47 24.09
CA LEU A 225 8.58 6.11 25.49
C LEU A 225 7.53 5.01 25.55
N PHE A 226 6.75 4.81 24.50
CA PHE A 226 5.64 3.84 24.55
C PHE A 226 5.97 2.61 23.70
N LYS A 227 7.11 2.63 23.00
CA LYS A 227 7.56 1.47 22.19
C LYS A 227 7.60 0.19 23.03
N PRO A 228 8.15 0.17 24.27
CA PRO A 228 8.14 -1.03 25.09
C PRO A 228 6.77 -1.67 25.36
N PHE A 229 5.69 -0.90 25.21
CA PHE A 229 4.33 -1.41 25.49
C PHE A 229 3.66 -1.84 24.19
N LEU A 230 4.39 -1.78 23.09
CA LEU A 230 3.79 -2.11 21.78
C LEU A 230 4.11 -3.53 21.32
N ASP A 231 3.13 -4.21 20.73
CA ASP A 231 3.29 -5.52 20.08
C ASP A 231 4.63 -5.61 19.35
N PRO A 232 5.41 -6.68 19.56
CA PRO A 232 6.67 -6.82 18.80
C PRO A 232 6.47 -6.99 17.29
N VAL A 233 5.29 -7.43 16.84
CA VAL A 233 4.98 -7.40 15.42
C VAL A 233 4.82 -5.97 14.94
N THR A 234 4.04 -5.17 15.69
CA THR A 234 3.90 -3.74 15.41
C THR A 234 5.25 -3.03 15.38
N VAL A 235 6.12 -3.32 16.34
CA VAL A 235 7.43 -2.69 16.40
C VAL A 235 8.30 -3.10 15.21
N SER A 236 8.04 -4.27 14.61
CA SER A 236 8.80 -4.62 13.41
C SER A 236 8.24 -3.98 12.13
N LYS A 237 7.03 -3.42 12.17
CA LYS A 237 6.40 -2.87 10.98
C LYS A 237 6.35 -1.35 10.94
N ILE A 238 6.38 -0.67 12.09
CA ILE A 238 6.13 0.75 12.17
C ILE A 238 7.33 1.43 12.84
N PHE A 239 7.81 2.51 12.23
CA PHE A 239 9.00 3.22 12.67
C PHE A 239 8.73 4.71 12.67
N ILE A 240 9.02 5.37 13.80
CA ILE A 240 8.83 6.81 13.95
C ILE A 240 10.22 7.43 14.10
N LEU A 241 10.70 8.11 13.07
CA LEU A 241 12.07 8.57 13.07
C LEU A 241 12.13 10.08 12.97
N GLY A 242 13.21 10.63 13.53
CA GLY A 242 13.50 12.05 13.46
C GLY A 242 14.25 12.39 12.19
N SER A 243 15.22 13.28 12.31
CA SER A 243 15.91 13.85 11.15
C SER A 243 17.07 13.00 10.66
N SER A 244 17.58 12.09 11.48
CA SER A 244 18.60 11.14 11.03
C SER A 244 17.87 9.82 10.77
N TYR A 245 17.26 9.74 9.61
CA TYR A 245 16.51 8.57 9.19
C TYR A 245 17.21 7.79 8.09
N GLN A 246 18.24 8.39 7.47
CA GLN A 246 18.83 7.85 6.25
C GLN A 246 19.33 6.43 6.45
N LYS A 247 20.04 6.18 7.54
CA LYS A 247 20.63 4.87 7.75
C LYS A 247 19.54 3.82 7.99
N GLU A 248 18.48 4.20 8.68
CA GLU A 248 17.40 3.25 8.90
C GLU A 248 16.71 2.88 7.60
N LEU A 249 16.52 3.86 6.70
CA LEU A 249 15.91 3.57 5.41
C LEU A 249 16.81 2.65 4.58
N LEU A 250 18.12 2.90 4.61
CA LEU A 250 19.03 2.10 3.80
C LEU A 250 19.11 0.65 4.29
N LYS A 251 18.80 0.38 5.56
CA LYS A 251 18.68 -1.01 5.99
C LYS A 251 17.48 -1.69 5.33
N GLN A 252 16.47 -0.91 4.94
CA GLN A 252 15.24 -1.51 4.40
C GLN A 252 15.17 -1.47 2.88
N ILE A 253 15.83 -0.49 2.27
CA ILE A 253 15.69 -0.19 0.85
C ILE A 253 17.09 -0.04 0.24
N PRO A 254 17.42 -0.79 -0.81
CA PRO A 254 18.75 -0.64 -1.43
C PRO A 254 19.01 0.79 -1.86
N ALA A 255 20.27 1.21 -1.70
CA ALA A 255 20.65 2.60 -2.00
C ALA A 255 20.25 2.99 -3.43
N GLU A 256 20.44 2.08 -4.39
CA GLU A 256 20.08 2.41 -5.75
C GLU A 256 18.58 2.47 -5.98
N ASN A 257 17.75 2.06 -5.01
CA ASN A 257 16.30 2.21 -5.12
C ASN A 257 15.76 3.41 -4.37
N LEU A 258 16.54 4.00 -3.48
CA LEU A 258 16.04 5.07 -2.62
C LEU A 258 16.38 6.42 -3.21
N PRO A 259 15.43 7.36 -3.30
CA PRO A 259 15.73 8.66 -3.94
C PRO A 259 16.86 9.40 -3.23
N VAL A 260 17.59 10.20 -4.01
CA VAL A 260 18.71 10.97 -3.46
C VAL A 260 18.28 11.82 -2.27
N LYS A 261 17.17 12.56 -2.41
CA LYS A 261 16.72 13.46 -1.36
C LYS A 261 16.52 12.78 -0.01
N PHE A 262 16.35 11.45 0.00
CA PHE A 262 16.15 10.69 1.25
C PHE A 262 17.40 9.90 1.63
N GLY A 263 18.54 10.22 1.04
CA GLY A 263 19.80 9.58 1.38
C GLY A 263 20.24 8.47 0.46
N GLY A 264 19.55 8.24 -0.65
CA GLY A 264 19.87 7.16 -1.56
C GLY A 264 20.67 7.61 -2.77
N LYS A 265 20.66 6.77 -3.81
CA LYS A 265 21.33 7.06 -5.06
C LYS A 265 20.38 7.13 -6.25
N SER A 266 19.10 6.83 -6.06
CA SER A 266 18.19 6.77 -7.19
C SER A 266 17.80 8.18 -7.66
N GLU A 267 17.91 8.40 -8.97
CA GLU A 267 17.65 9.74 -9.51
C GLU A 267 16.58 9.68 -10.59
N VAL A 268 15.88 10.79 -10.78
CA VAL A 268 14.82 10.87 -11.81
C VAL A 268 15.06 12.15 -12.63
N ASP A 269 14.36 12.30 -13.75
CA ASP A 269 14.53 13.50 -14.60
C ASP A 269 13.72 14.65 -14.02
N GLU A 270 14.40 15.63 -13.42
CA GLU A 270 13.69 16.75 -12.75
C GLU A 270 13.08 17.68 -13.80
N SER A 271 13.51 17.57 -15.05
CA SER A 271 12.95 18.42 -16.12
C SER A 271 11.64 17.83 -16.64
N LYS A 272 11.45 16.53 -16.43
CA LYS A 272 10.24 15.86 -16.97
C LYS A 272 9.32 15.45 -15.82
N GLY A 273 9.06 16.36 -14.89
CA GLY A 273 8.09 16.08 -13.81
C GLY A 273 8.75 15.76 -12.49
N GLY A 274 9.95 15.17 -12.53
CA GLY A 274 10.62 14.77 -11.29
C GLY A 274 9.93 13.62 -10.62
N LEU A 275 10.20 13.43 -9.33
CA LEU A 275 9.61 12.31 -8.55
C LEU A 275 8.09 12.49 -8.44
N TYR A 276 7.61 13.73 -8.30
CA TYR A 276 6.17 13.97 -8.01
C TYR A 276 5.27 13.42 -9.11
N LEU A 277 5.76 13.41 -10.34
CA LEU A 277 4.96 12.92 -11.45
C LEU A 277 5.46 11.58 -11.97
N SER A 278 6.42 10.97 -11.29
CA SER A 278 7.04 9.74 -11.77
C SER A 278 6.32 8.51 -11.20
N ASP A 279 6.53 7.37 -11.85
CA ASP A 279 5.98 6.08 -11.39
C ASP A 279 6.93 4.98 -11.87
N ILE A 280 8.13 4.96 -11.31
CA ILE A 280 9.20 4.09 -11.76
C ILE A 280 9.24 2.85 -10.87
N GLY A 281 9.40 1.67 -11.50
CA GLY A 281 9.50 0.43 -10.78
C GLY A 281 9.41 -0.78 -11.69
N PRO A 282 9.44 -1.97 -11.08
CA PRO A 282 9.39 -3.20 -11.90
C PRO A 282 8.14 -3.29 -12.76
N TRP A 283 7.06 -2.60 -12.38
CA TRP A 283 5.83 -2.60 -13.17
C TRP A 283 5.97 -1.78 -14.45
N ARG A 284 7.16 -1.21 -14.71
CA ARG A 284 7.45 -0.55 -15.96
C ARG A 284 8.53 -1.30 -16.74
N ASP A 285 8.98 -2.45 -16.22
CA ASP A 285 10.01 -3.23 -16.89
C ASP A 285 9.34 -4.39 -17.62
N PRO A 286 9.45 -4.48 -18.96
CA PRO A 286 8.73 -5.53 -19.69
C PRO A 286 9.07 -6.94 -19.23
N LYS A 287 10.29 -7.15 -18.72
CA LYS A 287 10.68 -8.43 -18.14
C LYS A 287 9.72 -8.88 -17.04
N TYR A 288 9.06 -7.94 -16.34
CA TYR A 288 8.23 -8.29 -15.19
C TYR A 288 6.75 -7.98 -15.38
N ILE A 289 6.30 -7.67 -16.58
CA ILE A 289 4.90 -7.37 -16.85
C ILE A 289 4.26 -8.61 -17.49
N GLY A 290 3.20 -9.12 -16.86
CA GLY A 290 2.54 -10.29 -17.38
C GLY A 290 1.27 -9.98 -18.18
N PRO A 291 0.28 -10.88 -18.11
CA PRO A 291 -0.90 -10.73 -18.98
C PRO A 291 -1.76 -9.52 -18.65
N GLU A 292 -1.61 -8.92 -17.47
CA GLU A 292 -2.35 -7.71 -17.14
C GLU A 292 -1.99 -6.54 -18.04
N GLY A 293 -0.86 -6.60 -18.75
CA GLY A 293 -0.40 -5.44 -19.50
C GLY A 293 0.21 -4.42 -18.54
N GLU A 294 0.71 -3.34 -19.13
CA GLU A 294 1.39 -2.33 -18.32
C GLU A 294 0.38 -1.35 -17.72
N ALA A 295 0.68 -0.91 -16.49
CA ALA A 295 -0.16 0.03 -15.76
C ALA A 295 -0.36 1.33 -16.55
N PRO A 296 -1.54 1.96 -16.43
CA PRO A 296 -1.84 3.32 -16.90
C PRO A 296 -1.05 4.39 -16.15
#